data_8DVZ
#
_entry.id   8DVZ
#
_cell.length_a   97.971
_cell.length_b   97.971
_cell.length_c   100.768
_cell.angle_alpha   90.000
_cell.angle_beta   90.000
_cell.angle_gamma   120.000
#
_symmetry.space_group_name_H-M   'P 31 2 1'
#
loop_
_entity.id
_entity.type
_entity.pdbx_description
1 polymer "N, N'-diacetylbacillosaminyl-diphospho-undecaprenol alpha-1,3-N-acetylgalactosaminyltransferase"
2 non-polymer URIDINE-DIPHOSPHATE-N-ACETYLGALACTOSAMINE
3 water water
#
_entity_poly.entity_id   1
_entity_poly.type   'polypeptide(L)'
_entity_poly.pdbx_seq_one_letter_code
;MARIGFLSHADMSIHFFRRPIMQALKDMGHEVFAIAPKGNFTDELAKSFHAVTYELDKASLNPLTVINNSKKLSQILGEL
NLDLLQTGAHKSNVFGTFAAKNAGIKYVINLVEGLGSFYIDDDIKTKAVRFVMESLYKISFAKADACVFVNNSDADYMIS
KNLIDKSKVYRIKSVGVDTAKFDPAITQAVDLGEKKVILMIARAMWHKGVREFYEAAEILNGYKNCEFVFVGEGFAGNKS
TADESFLKGGKVRYLGARNDIPQLLKASYLLALPSYKEGFPVTVLEAMSMAKAVVASDVTGCNEAVKDGYNGLLCKVKDA
NDLAGKIKILLDDEELCARLGANGRSWVVSEFDEKQIAKRYIEIYRKFIDVHHHHHH
;
_entity_poly.pdbx_strand_id   A
#
loop_
_chem_comp.id
_chem_comp.type
_chem_comp.name
_chem_comp.formula
UD2 non-polymer URIDINE-DIPHOSPHATE-N-ACETYLGALACTOSAMINE 'C17 H27 N3 O17 P2'
#
# COMPACT_ATOMS: atom_id res chain seq x y z
N ALA A 2 -17.89 -8.18 18.86
CA ALA A 2 -18.47 -8.26 17.48
C ALA A 2 -18.77 -6.88 16.88
N ARG A 3 -18.34 -5.83 17.57
CA ARG A 3 -18.32 -4.48 17.01
C ARG A 3 -16.85 -4.13 16.77
N ILE A 4 -16.44 -4.09 15.51
CA ILE A 4 -15.03 -3.99 15.14
C ILE A 4 -14.86 -2.85 14.15
N GLY A 5 -14.04 -1.86 14.53
CA GLY A 5 -13.81 -0.70 13.70
C GLY A 5 -12.48 -0.80 12.95
N PHE A 6 -12.44 -0.16 11.79
CA PHE A 6 -11.21 -0.07 10.99
C PHE A 6 -10.97 1.40 10.69
N LEU A 7 -9.98 1.97 11.38
CA LEU A 7 -9.68 3.39 11.26
C LEU A 7 -8.55 3.58 10.25
N SER A 8 -8.76 4.48 9.30
CA SER A 8 -7.71 4.91 8.41
C SER A 8 -7.84 6.41 8.15
N HIS A 9 -6.75 7.00 7.67
CA HIS A 9 -6.74 8.37 7.20
C HIS A 9 -7.36 8.52 5.82
N ALA A 10 -7.62 7.41 5.13
CA ALA A 10 -8.02 7.44 3.73
C ALA A 10 -8.92 6.27 3.43
N ASP A 11 -10.02 6.51 2.72
CA ASP A 11 -10.93 5.42 2.37
C ASP A 11 -10.31 4.47 1.34
N MET A 12 -9.28 4.92 0.62
CA MET A 12 -8.56 4.02 -0.28
C MET A 12 -8.00 2.82 0.47
N SER A 13 -7.46 3.04 1.67
CA SER A 13 -6.85 1.95 2.42
C SER A 13 -7.90 0.99 2.95
N ILE A 14 -9.07 1.50 3.35
CA ILE A 14 -10.15 0.61 3.74
C ILE A 14 -10.60 -0.22 2.55
N HIS A 15 -10.78 0.42 1.40
CA HIS A 15 -11.38 -0.24 0.25
C HIS A 15 -10.39 -1.20 -0.42
N PHE A 16 -9.11 -0.84 -0.49
CA PHE A 16 -8.14 -1.66 -1.21
C PHE A 16 -7.43 -2.67 -0.32
N PHE A 17 -7.17 -2.32 0.95
CA PHE A 17 -6.30 -3.12 1.81
C PHE A 17 -7.08 -3.82 2.92
N ARG A 18 -7.83 -3.06 3.73
CA ARG A 18 -8.52 -3.66 4.87
C ARG A 18 -9.71 -4.51 4.45
N ARG A 19 -10.20 -4.35 3.23
CA ARG A 19 -11.52 -4.88 2.89
C ARG A 19 -11.64 -6.37 3.12
N PRO A 20 -10.72 -7.23 2.66
CA PRO A 20 -10.94 -8.68 2.85
C PRO A 20 -11.10 -9.07 4.32
N ILE A 21 -10.38 -8.40 5.22
CA ILE A 21 -10.60 -8.62 6.64
C ILE A 21 -12.04 -8.28 6.99
N MET A 22 -12.48 -7.10 6.59
CA MET A 22 -13.80 -6.60 6.97
C MET A 22 -14.90 -7.49 6.41
N GLN A 23 -14.78 -7.92 5.16
CA GLN A 23 -15.76 -8.83 4.59
C GLN A 23 -15.84 -10.12 5.40
N ALA A 24 -14.69 -10.68 5.77
CA ALA A 24 -14.69 -11.94 6.52
C ALA A 24 -15.40 -11.79 7.86
N LEU A 25 -15.21 -10.65 8.53
CA LEU A 25 -15.91 -10.42 9.79
C LEU A 25 -17.40 -10.22 9.56
N LYS A 26 -17.77 -9.50 8.49
CA LYS A 26 -19.18 -9.33 8.17
C LYS A 26 -19.86 -10.68 7.91
N ASP A 27 -19.22 -11.53 7.10
CA ASP A 27 -19.79 -12.83 6.80
C ASP A 27 -19.96 -13.68 8.06
N MET A 28 -19.24 -13.35 9.14
CA MET A 28 -19.37 -14.06 10.40
C MET A 28 -20.44 -13.47 11.31
N GLY A 29 -21.09 -12.39 10.89
CA GLY A 29 -22.16 -11.80 11.68
C GLY A 29 -21.73 -10.74 12.66
N HIS A 30 -20.57 -10.12 12.45
CA HIS A 30 -20.16 -8.99 13.28
C HIS A 30 -20.57 -7.68 12.62
N GLU A 31 -20.57 -6.62 13.42
CA GLU A 31 -20.81 -5.27 12.93
C GLU A 31 -19.45 -4.62 12.66
N VAL A 32 -19.21 -4.26 11.40
CA VAL A 32 -17.92 -3.77 10.95
C VAL A 32 -18.06 -2.30 10.56
N PHE A 33 -17.15 -1.47 11.07
CA PHE A 33 -17.20 -0.03 10.87
C PHE A 33 -15.98 0.43 10.07
N ALA A 34 -16.24 1.17 9.00
CA ALA A 34 -15.20 1.76 8.16
C ALA A 34 -15.09 3.23 8.54
N ILE A 35 -14.07 3.57 9.30
CA ILE A 35 -13.90 4.92 9.85
C ILE A 35 -12.80 5.61 9.06
N ALA A 36 -13.19 6.60 8.24
CA ALA A 36 -12.26 7.28 7.36
C ALA A 36 -12.89 8.56 6.82
N PRO A 37 -12.11 9.60 6.53
CA PRO A 37 -12.69 10.81 5.94
C PRO A 37 -13.43 10.49 4.65
N LYS A 38 -14.32 11.40 4.27
CA LYS A 38 -15.11 11.21 3.06
C LYS A 38 -14.21 11.09 1.84
N GLY A 39 -14.57 10.19 0.93
CA GLY A 39 -13.78 10.02 -0.27
C GLY A 39 -14.56 9.39 -1.40
N ASN A 40 -13.82 9.05 -2.46
CA ASN A 40 -14.39 8.52 -3.68
C ASN A 40 -15.04 7.15 -3.49
N PHE A 41 -14.72 6.43 -2.41
CA PHE A 41 -15.26 5.10 -2.18
C PHE A 41 -16.28 5.05 -1.04
N THR A 42 -16.53 6.16 -0.36
CA THR A 42 -17.32 6.11 0.87
C THR A 42 -18.71 5.55 0.62
N ASP A 43 -19.33 5.89 -0.50
CA ASP A 43 -20.75 5.55 -0.70
C ASP A 43 -20.93 4.06 -0.94
N GLU A 44 -20.10 3.46 -1.79
CA GLU A 44 -20.19 2.02 -2.02
C GLU A 44 -19.79 1.24 -0.78
N LEU A 45 -18.82 1.74 -0.01
CA LEU A 45 -18.44 1.08 1.23
C LEU A 45 -19.58 1.09 2.22
N ALA A 46 -20.36 2.19 2.27
CA ALA A 46 -21.52 2.24 3.16
C ALA A 46 -22.49 1.11 2.85
N LYS A 47 -22.61 0.71 1.59
CA LYS A 47 -23.52 -0.36 1.24
C LYS A 47 -23.13 -1.67 1.90
N SER A 48 -21.83 -1.91 2.08
CA SER A 48 -21.33 -3.16 2.64
C SER A 48 -21.07 -3.09 4.13
N PHE A 49 -20.63 -1.95 4.64
CA PHE A 49 -20.26 -1.80 6.05
C PHE A 49 -20.84 -0.50 6.58
N HIS A 50 -20.58 -0.23 7.86
CA HIS A 50 -21.06 0.98 8.51
C HIS A 50 -20.04 2.08 8.31
N ALA A 51 -20.32 2.99 7.37
CA ALA A 51 -19.41 4.08 7.09
C ALA A 51 -19.47 5.14 8.17
N VAL A 52 -18.30 5.60 8.60
CA VAL A 52 -18.18 6.71 9.55
C VAL A 52 -17.12 7.66 9.00
N THR A 53 -17.48 8.93 8.83
CA THR A 53 -16.54 9.92 8.33
C THR A 53 -16.11 10.85 9.47
N TYR A 54 -15.05 11.61 9.20
CA TYR A 54 -14.49 12.54 10.17
C TYR A 54 -13.49 13.43 9.43
N GLU A 55 -13.19 14.58 10.03
CA GLU A 55 -12.33 15.56 9.40
C GLU A 55 -10.87 15.32 9.78
N LEU A 56 -9.98 15.57 8.84
CA LEU A 56 -8.55 15.32 9.06
C LEU A 56 -7.72 16.14 8.10
N ASP A 57 -6.78 16.92 8.65
CA ASP A 57 -5.68 17.49 7.87
C ASP A 57 -4.61 16.42 7.80
N LYS A 58 -4.62 15.64 6.71
CA LYS A 58 -3.85 14.40 6.67
C LYS A 58 -2.36 14.66 6.84
N ALA A 59 -1.81 15.62 6.10
CA ALA A 59 -0.37 15.85 6.08
C ALA A 59 0.09 16.86 7.13
N SER A 60 -0.82 17.52 7.83
CA SER A 60 -0.42 18.61 8.72
C SER A 60 0.31 18.08 9.94
N LEU A 61 1.32 18.82 10.39
CA LEU A 61 2.01 18.57 11.65
C LEU A 61 1.81 19.72 12.63
N ASN A 62 0.85 20.63 12.36
CA ASN A 62 0.52 21.70 13.29
C ASN A 62 0.00 21.06 14.58
N PRO A 63 0.64 21.32 15.73
CA PRO A 63 0.19 20.67 16.98
C PRO A 63 -1.27 20.91 17.35
N LEU A 64 -1.74 22.16 17.30
CA LEU A 64 -3.12 22.41 17.74
C LEU A 64 -4.14 21.90 16.73
N THR A 65 -3.76 21.76 15.46
CA THR A 65 -4.63 21.10 14.50
C THR A 65 -4.71 19.61 14.78
N VAL A 66 -3.60 18.99 15.19
CA VAL A 66 -3.59 17.55 15.43
C VAL A 66 -4.18 17.20 16.78
N ILE A 67 -4.17 18.13 17.74
CA ILE A 67 -4.88 17.91 19.00
C ILE A 67 -6.38 17.94 18.77
N ASN A 68 -6.86 18.96 18.06
CA ASN A 68 -8.29 19.12 17.85
C ASN A 68 -8.84 18.00 16.98
N ASN A 69 -8.19 17.74 15.84
CA ASN A 69 -8.58 16.62 14.99
C ASN A 69 -8.79 15.35 15.82
N SER A 70 -7.81 15.01 16.66
CA SER A 70 -7.84 13.76 17.38
C SER A 70 -8.79 13.78 18.58
N LYS A 71 -9.15 14.97 19.07
CA LYS A 71 -10.14 15.03 20.14
C LYS A 71 -11.54 14.81 19.59
N LYS A 72 -11.89 15.52 18.51
CA LYS A 72 -13.12 15.21 17.79
C LYS A 72 -13.17 13.73 17.44
N LEU A 73 -12.06 13.17 16.96
CA LEU A 73 -12.04 11.76 16.58
C LEU A 73 -12.41 10.87 17.77
N SER A 74 -11.84 11.16 18.94
CA SER A 74 -12.16 10.36 20.12
C SER A 74 -13.66 10.30 20.36
N GLN A 75 -14.36 11.40 20.10
CA GLN A 75 -15.81 11.42 20.28
C GLN A 75 -16.51 10.56 19.23
N ILE A 76 -16.11 10.70 17.97
CA ILE A 76 -16.70 9.88 16.91
C ILE A 76 -16.52 8.40 17.23
N LEU A 77 -15.31 8.02 17.65
CA LEU A 77 -15.08 6.62 17.99
C LEU A 77 -15.83 6.24 19.26
N GLY A 78 -15.91 7.16 20.23
CA GLY A 78 -16.64 6.85 21.45
C GLY A 78 -18.08 6.45 21.18
N GLU A 79 -18.73 7.12 20.23
CA GLU A 79 -20.15 6.91 19.97
C GLU A 79 -20.42 5.60 19.24
N LEU A 80 -19.40 4.93 18.71
CA LEU A 80 -19.61 3.67 18.01
C LEU A 80 -19.66 2.47 18.94
N ASN A 81 -19.21 2.62 20.18
CA ASN A 81 -19.20 1.53 21.16
C ASN A 81 -18.48 0.30 20.60
N LEU A 82 -17.25 0.51 20.15
CA LEU A 82 -16.48 -0.57 19.53
C LEU A 82 -15.87 -1.49 20.58
N ASP A 83 -15.83 -2.79 20.25
CA ASP A 83 -15.10 -3.74 21.08
C ASP A 83 -13.62 -3.75 20.73
N LEU A 84 -13.28 -3.57 19.46
CA LEU A 84 -11.89 -3.58 19.01
C LEU A 84 -11.76 -2.65 17.81
N LEU A 85 -10.64 -1.93 17.75
CA LEU A 85 -10.34 -1.04 16.63
C LEU A 85 -9.05 -1.47 15.97
N GLN A 86 -9.10 -1.69 14.66
CA GLN A 86 -7.89 -1.91 13.86
C GLN A 86 -7.53 -0.58 13.21
N THR A 87 -6.32 -0.10 13.49
CA THR A 87 -5.77 1.07 12.82
C THR A 87 -4.74 0.63 11.79
N GLY A 88 -4.36 1.57 10.93
CA GLY A 88 -3.36 1.32 9.93
C GLY A 88 -2.64 2.58 9.50
N ALA A 89 -1.33 2.49 9.31
CA ALA A 89 -0.50 3.63 8.90
C ALA A 89 -0.30 4.56 10.09
N HIS A 90 0.50 5.61 9.89
CA HIS A 90 1.12 6.30 11.03
C HIS A 90 0.10 7.10 11.83
N LYS A 91 -0.61 8.02 11.18
CA LYS A 91 -1.48 8.93 11.93
C LYS A 91 -2.54 8.16 12.71
N SER A 92 -3.15 7.15 12.09
CA SER A 92 -4.15 6.37 12.81
C SER A 92 -3.51 5.47 13.86
N ASN A 93 -2.30 4.97 13.61
CA ASN A 93 -1.64 4.11 14.58
C ASN A 93 -1.36 4.88 15.87
N VAL A 94 -0.92 6.12 15.75
CA VAL A 94 -0.46 6.89 16.90
C VAL A 94 -1.62 7.67 17.50
N PHE A 95 -2.14 8.65 16.75
CA PHE A 95 -3.19 9.50 17.29
C PHE A 95 -4.54 8.80 17.29
N GLY A 96 -4.80 7.93 16.32
CA GLY A 96 -5.96 7.09 16.39
C GLY A 96 -5.97 6.22 17.65
N THR A 97 -4.79 5.84 18.13
CA THR A 97 -4.74 5.01 19.34
C THR A 97 -4.93 5.86 20.59
N PHE A 98 -4.30 7.04 20.66
CA PHE A 98 -4.60 7.95 21.77
C PHE A 98 -6.09 8.23 21.85
N ALA A 99 -6.70 8.55 20.71
CA ALA A 99 -8.13 8.86 20.68
C ALA A 99 -8.97 7.64 21.01
N ALA A 100 -8.53 6.45 20.57
CA ALA A 100 -9.30 5.24 20.84
C ALA A 100 -9.31 4.93 22.33
N LYS A 101 -8.16 5.07 23.00
CA LYS A 101 -8.09 4.76 24.43
C LYS A 101 -8.85 5.79 25.25
N ASN A 102 -8.75 7.07 24.87
CA ASN A 102 -9.53 8.10 25.56
C ASN A 102 -11.03 7.84 25.41
N ALA A 103 -11.43 7.23 24.30
CA ALA A 103 -12.83 6.85 24.07
C ALA A 103 -13.21 5.56 24.77
N GLY A 104 -12.28 4.93 25.48
CA GLY A 104 -12.60 3.73 26.23
C GLY A 104 -12.58 2.44 25.45
N ILE A 105 -12.03 2.42 24.23
CA ILE A 105 -11.93 1.18 23.49
C ILE A 105 -10.90 0.29 24.15
N LYS A 106 -11.26 -0.97 24.40
CA LYS A 106 -10.42 -1.85 25.20
C LYS A 106 -9.29 -2.45 24.37
N TYR A 107 -9.58 -2.80 23.11
CA TYR A 107 -8.63 -3.51 22.26
C TYR A 107 -8.34 -2.65 21.04
N VAL A 108 -7.07 -2.33 20.84
CA VAL A 108 -6.60 -1.61 19.67
C VAL A 108 -5.48 -2.42 19.04
N ILE A 109 -5.65 -2.78 17.78
CA ILE A 109 -4.61 -3.45 17.00
C ILE A 109 -4.06 -2.45 15.99
N ASN A 110 -2.74 -2.35 15.92
CA ASN A 110 -2.09 -1.44 15.00
C ASN A 110 -1.66 -2.20 13.74
N LEU A 111 -1.10 -1.46 12.79
CA LEU A 111 -0.71 -2.04 11.51
C LEU A 111 0.26 -1.08 10.84
N VAL A 112 1.46 -1.56 10.55
CA VAL A 112 2.47 -0.79 9.83
C VAL A 112 2.60 -1.37 8.44
N GLU A 113 2.38 -0.55 7.42
CA GLU A 113 2.48 -0.98 6.02
C GLU A 113 3.36 0.04 5.28
N GLY A 114 4.64 0.06 5.63
CA GLY A 114 5.58 0.99 5.06
C GLY A 114 5.91 2.12 6.02
N LEU A 115 7.16 2.56 6.04
CA LEU A 115 7.60 3.59 6.98
C LEU A 115 7.45 4.99 6.40
N GLY A 116 7.34 5.13 5.09
CA GLY A 116 6.98 6.40 4.49
C GLY A 116 8.13 7.36 4.33
N SER A 117 7.76 8.60 3.98
CA SER A 117 8.72 9.57 3.47
C SER A 117 9.62 10.14 4.57
N PHE A 118 9.22 10.04 5.83
CA PHE A 118 10.10 10.47 6.91
C PHE A 118 11.30 9.55 7.09
N TYR A 119 11.44 8.52 6.25
CA TYR A 119 12.64 7.69 6.20
C TYR A 119 13.31 7.74 4.84
N ILE A 120 12.78 8.53 3.91
CA ILE A 120 13.41 8.78 2.62
C ILE A 120 14.23 10.05 2.75
N ASP A 121 13.55 11.17 2.96
CA ASP A 121 14.22 12.42 3.29
C ASP A 121 15.13 12.24 4.50
N ASP A 122 16.18 13.07 4.57
CA ASP A 122 17.18 13.03 5.64
C ASP A 122 17.51 14.45 6.09
N ASP A 123 16.73 15.46 5.69
CA ASP A 123 16.98 16.81 6.17
C ASP A 123 16.75 16.88 7.68
N ILE A 124 17.44 17.82 8.32
CA ILE A 124 17.40 17.92 9.79
C ILE A 124 15.95 17.99 10.27
N LYS A 125 15.14 18.82 9.61
CA LYS A 125 13.74 18.93 10.02
C LYS A 125 13.06 17.57 10.01
N THR A 126 13.36 16.75 9.00
CA THR A 126 12.74 15.43 8.89
C THR A 126 13.35 14.44 9.88
N LYS A 127 14.62 14.62 10.23
CA LYS A 127 15.22 13.74 11.24
C LYS A 127 14.65 14.02 12.62
N ALA A 128 14.26 15.27 12.88
CA ALA A 128 13.61 15.59 14.16
C ALA A 128 12.18 15.06 14.18
N VAL A 129 11.45 15.22 13.08
CA VAL A 129 10.09 14.68 13.01
C VAL A 129 10.12 13.17 13.23
N ARG A 130 11.04 12.47 12.58
CA ARG A 130 11.14 11.02 12.74
C ARG A 130 11.37 10.65 14.19
N PHE A 131 12.18 11.43 14.91
CA PHE A 131 12.43 11.15 16.32
C PHE A 131 11.16 11.27 17.14
N VAL A 132 10.37 12.33 16.91
CA VAL A 132 9.16 12.54 17.69
C VAL A 132 8.16 11.42 17.41
N MET A 133 7.90 11.13 16.13
CA MET A 133 6.96 10.07 15.79
C MET A 133 7.39 8.75 16.43
N GLU A 134 8.68 8.47 16.46
CA GLU A 134 9.16 7.22 17.04
C GLU A 134 8.97 7.22 18.56
N SER A 135 9.16 8.37 19.20
CA SER A 135 8.94 8.44 20.64
C SER A 135 7.46 8.33 20.98
N LEU A 136 6.61 8.94 20.15
CA LEU A 136 5.16 8.76 20.32
C LEU A 136 4.77 7.31 20.10
N TYR A 137 5.43 6.63 19.16
CA TYR A 137 5.11 5.23 18.88
C TYR A 137 5.37 4.35 20.10
N LYS A 138 6.38 4.67 20.90
CA LYS A 138 6.62 3.91 22.11
C LYS A 138 5.41 3.96 23.04
N ILE A 139 4.82 5.15 23.19
CA ILE A 139 3.61 5.27 23.99
C ILE A 139 2.46 4.51 23.33
N SER A 140 2.20 4.80 22.05
CA SER A 140 1.00 4.27 21.40
C SER A 140 1.06 2.75 21.29
N PHE A 141 2.21 2.19 20.89
CA PHE A 141 2.35 0.75 20.89
C PHE A 141 2.13 0.17 22.29
N ALA A 142 2.67 0.84 23.31
CA ALA A 142 2.49 0.37 24.68
C ALA A 142 1.02 0.31 25.05
N LYS A 143 0.22 1.26 24.57
CA LYS A 143 -1.21 1.25 24.86
C LYS A 143 -1.95 0.20 24.03
N ALA A 144 -1.59 0.05 22.76
CA ALA A 144 -2.24 -0.93 21.91
C ALA A 144 -1.85 -2.34 22.34
N ASP A 145 -2.63 -3.31 21.88
CA ASP A 145 -2.45 -4.70 22.27
C ASP A 145 -1.56 -5.49 21.32
N ALA A 146 -1.36 -4.99 20.10
CA ALA A 146 -0.58 -5.73 19.11
C ALA A 146 -0.46 -4.85 17.87
N CYS A 147 0.57 -5.14 17.06
CA CYS A 147 0.78 -4.45 15.80
C CYS A 147 1.10 -5.48 14.72
N VAL A 148 0.41 -5.38 13.60
CA VAL A 148 0.69 -6.22 12.44
C VAL A 148 1.62 -5.48 11.51
N PHE A 149 2.59 -6.21 10.95
CA PHE A 149 3.51 -5.70 9.95
C PHE A 149 3.31 -6.47 8.66
N VAL A 150 3.30 -5.76 7.53
CA VAL A 150 3.10 -6.42 6.24
C VAL A 150 4.41 -6.84 5.58
N ASN A 151 5.55 -6.39 6.09
CA ASN A 151 6.86 -6.90 5.68
C ASN A 151 7.67 -7.26 6.91
N ASN A 152 8.90 -7.71 6.69
CA ASN A 152 9.80 -8.05 7.77
C ASN A 152 10.71 -6.89 8.17
N SER A 153 11.07 -6.03 7.22
CA SER A 153 12.05 -4.98 7.50
C SER A 153 11.48 -3.92 8.43
N ASP A 154 10.19 -3.60 8.32
CA ASP A 154 9.60 -2.63 9.23
C ASP A 154 9.52 -3.20 10.64
N ALA A 155 9.12 -4.46 10.79
CA ALA A 155 9.06 -5.08 12.10
C ALA A 155 10.45 -5.16 12.72
N ASP A 156 11.41 -5.71 11.97
CA ASP A 156 12.79 -5.76 12.46
C ASP A 156 13.26 -4.37 12.88
N TYR A 157 13.01 -3.37 12.03
CA TYR A 157 13.50 -2.04 12.35
C TYR A 157 12.91 -1.52 13.65
N MET A 158 11.58 -1.56 13.77
CA MET A 158 10.94 -1.00 14.96
C MET A 158 11.28 -1.77 16.21
N ILE A 159 11.50 -3.09 16.11
CA ILE A 159 11.95 -3.85 17.26
C ILE A 159 13.34 -3.40 17.67
N SER A 160 14.23 -3.21 16.69
CA SER A 160 15.62 -2.84 16.98
C SER A 160 15.70 -1.49 17.69
N LYS A 161 14.73 -0.60 17.47
CA LYS A 161 14.70 0.68 18.14
C LYS A 161 13.94 0.62 19.46
N ASN A 162 13.62 -0.58 19.95
CA ASN A 162 12.90 -0.75 21.22
C ASN A 162 11.64 0.12 21.27
N LEU A 163 10.93 0.16 20.15
CA LEU A 163 9.64 0.84 20.09
C LEU A 163 8.48 -0.07 20.46
N ILE A 164 8.70 -1.38 20.50
CA ILE A 164 7.63 -2.35 20.73
C ILE A 164 8.28 -3.71 20.99
N ASP A 165 7.69 -4.49 21.87
CA ASP A 165 8.26 -5.78 22.21
C ASP A 165 7.88 -6.82 21.16
N LYS A 166 8.81 -7.75 20.92
CA LYS A 166 8.56 -8.87 20.02
C LYS A 166 7.24 -9.57 20.34
N SER A 167 6.83 -9.55 21.61
CA SER A 167 5.59 -10.22 22.01
C SER A 167 4.40 -9.68 21.22
N LYS A 168 4.40 -8.38 20.91
CA LYS A 168 3.25 -7.74 20.29
C LYS A 168 3.35 -7.65 18.78
N VAL A 169 4.46 -8.08 18.19
CA VAL A 169 4.66 -7.97 16.75
C VAL A 169 4.11 -9.21 16.08
N TYR A 170 3.26 -9.01 15.07
CA TYR A 170 2.71 -10.09 14.26
C TYR A 170 3.06 -9.80 12.80
N ARG A 171 3.64 -10.80 12.14
CA ARG A 171 4.12 -10.66 10.77
C ARG A 171 3.15 -11.37 9.84
N ILE A 172 2.35 -10.59 9.11
CA ILE A 172 1.45 -11.11 8.09
C ILE A 172 1.89 -10.46 6.79
N LYS A 173 2.58 -11.24 5.96
CA LYS A 173 3.29 -10.68 4.80
C LYS A 173 2.30 -10.28 3.72
N SER A 174 2.23 -8.98 3.45
CA SER A 174 1.34 -8.42 2.44
C SER A 174 -0.10 -8.35 2.95
N VAL A 175 -0.90 -7.48 2.33
CA VAL A 175 -2.31 -7.34 2.66
C VAL A 175 -3.13 -8.25 1.76
N GLY A 176 -2.47 -9.09 0.99
CA GLY A 176 -3.13 -10.07 0.15
C GLY A 176 -3.73 -9.45 -1.11
N VAL A 177 -4.04 -10.33 -2.06
CA VAL A 177 -4.65 -9.95 -3.34
C VAL A 177 -5.68 -11.00 -3.70
N ASP A 178 -6.78 -10.57 -4.31
CA ASP A 178 -7.84 -11.48 -4.76
C ASP A 178 -7.36 -12.18 -6.02
N THR A 179 -6.74 -13.34 -5.84
CA THR A 179 -6.16 -14.05 -6.98
C THR A 179 -7.21 -14.66 -7.90
N ALA A 180 -8.47 -14.74 -7.47
CA ALA A 180 -9.52 -15.23 -8.34
C ALA A 180 -10.08 -14.13 -9.24
N LYS A 181 -10.10 -12.89 -8.73
CA LYS A 181 -10.40 -11.75 -9.59
C LYS A 181 -9.21 -11.43 -10.49
N PHE A 182 -8.02 -11.31 -9.90
CA PHE A 182 -6.79 -11.02 -10.65
C PHE A 182 -6.28 -12.31 -11.29
N ASP A 183 -7.08 -12.83 -12.21
CA ASP A 183 -6.80 -14.10 -12.88
C ASP A 183 -6.72 -13.87 -14.38
N PRO A 184 -5.59 -14.16 -15.03
CA PRO A 184 -5.50 -13.89 -16.47
C PRO A 184 -6.55 -14.62 -17.29
N ALA A 185 -6.87 -15.86 -16.92
CA ALA A 185 -7.71 -16.70 -17.78
C ALA A 185 -9.11 -16.15 -17.96
N ILE A 186 -9.59 -15.33 -17.02
CA ILE A 186 -10.93 -14.76 -17.09
C ILE A 186 -10.90 -13.27 -17.37
N THR A 187 -9.73 -12.68 -17.57
CA THR A 187 -9.58 -11.25 -17.76
C THR A 187 -9.36 -10.96 -19.23
N GLN A 188 -10.11 -9.99 -19.76
CA GLN A 188 -9.91 -9.50 -21.12
C GLN A 188 -9.04 -8.25 -21.08
N ALA A 189 -7.95 -8.28 -21.84
CA ALA A 189 -7.02 -7.16 -21.81
C ALA A 189 -7.67 -5.89 -22.36
N VAL A 190 -7.36 -4.76 -21.73
CA VAL A 190 -7.56 -3.47 -22.37
C VAL A 190 -6.77 -3.45 -23.67
N ASP A 191 -7.25 -2.70 -24.66
CA ASP A 191 -6.54 -2.52 -25.92
C ASP A 191 -5.73 -1.23 -25.81
N LEU A 192 -4.40 -1.36 -25.82
CA LEU A 192 -3.50 -0.21 -25.86
C LEU A 192 -2.65 -0.22 -27.11
N GLY A 193 -3.03 -1.00 -28.11
CA GLY A 193 -2.28 -1.11 -29.34
C GLY A 193 -1.49 -2.39 -29.42
N GLU A 194 -0.60 -2.42 -30.42
CA GLU A 194 0.23 -3.59 -30.71
C GLU A 194 1.62 -3.45 -30.10
N LYS A 195 1.72 -2.83 -28.94
CA LYS A 195 3.01 -2.48 -28.34
C LYS A 195 3.26 -3.30 -27.08
N LYS A 196 4.54 -3.40 -26.72
CA LYS A 196 4.97 -4.03 -25.47
C LYS A 196 4.84 -2.99 -24.35
N VAL A 197 3.80 -3.13 -23.53
CA VAL A 197 3.45 -2.07 -22.59
C VAL A 197 4.29 -2.20 -21.32
N ILE A 198 4.97 -1.13 -20.97
CA ILE A 198 5.77 -1.04 -19.75
C ILE A 198 4.93 -0.25 -18.75
N LEU A 199 4.25 -0.94 -17.85
CA LEU A 199 3.20 -0.35 -17.04
C LEU A 199 3.69 0.00 -15.64
N MET A 200 3.44 1.24 -15.23
CA MET A 200 3.62 1.69 -13.86
C MET A 200 2.28 2.13 -13.31
N ILE A 201 1.89 1.58 -12.16
CA ILE A 201 0.66 1.95 -11.47
C ILE A 201 1.05 2.61 -10.16
N ALA A 202 0.71 3.88 -9.99
CA ALA A 202 0.98 4.54 -8.73
C ALA A 202 0.44 5.96 -8.64
N ARG A 203 0.04 6.37 -7.44
CA ARG A 203 -0.02 7.79 -7.12
C ARG A 203 1.28 8.44 -7.56
N ALA A 204 1.17 9.60 -8.20
CA ALA A 204 2.33 10.19 -8.87
C ALA A 204 3.28 10.88 -7.90
N MET A 205 3.63 10.20 -6.81
CA MET A 205 4.63 10.73 -5.89
C MET A 205 6.02 10.61 -6.51
N TRP A 206 6.85 11.64 -6.30
CA TRP A 206 8.25 11.52 -6.65
C TRP A 206 8.89 10.36 -5.91
N HIS A 207 8.51 10.18 -4.63
CA HIS A 207 8.99 9.07 -3.83
C HIS A 207 8.52 7.71 -4.35
N LYS A 208 7.65 7.70 -5.35
CA LYS A 208 7.29 6.47 -6.04
C LYS A 208 8.18 6.18 -7.24
N GLY A 209 9.07 7.10 -7.60
CA GLY A 209 9.95 6.90 -8.73
C GLY A 209 9.38 7.37 -10.06
N VAL A 210 8.41 8.29 -10.04
CA VAL A 210 7.79 8.75 -11.28
C VAL A 210 8.84 9.32 -12.21
N ARG A 211 9.72 10.18 -11.68
CA ARG A 211 10.70 10.82 -12.54
C ARG A 211 11.61 9.80 -13.20
N GLU A 212 12.06 8.80 -12.43
CA GLU A 212 12.92 7.76 -13.00
C GLU A 212 12.19 6.99 -14.09
N PHE A 213 10.90 6.71 -13.89
CA PHE A 213 10.13 5.99 -14.89
C PHE A 213 10.01 6.81 -16.17
N TYR A 214 9.78 8.12 -16.04
CA TYR A 214 9.68 8.96 -17.23
C TYR A 214 11.04 9.13 -17.90
N GLU A 215 12.09 9.25 -17.10
CA GLU A 215 13.44 9.35 -17.66
C GLU A 215 13.81 8.06 -18.40
N ALA A 216 13.42 6.92 -17.86
CA ALA A 216 13.73 5.65 -18.51
C ALA A 216 12.98 5.51 -19.82
N ALA A 217 11.72 5.94 -19.86
CA ALA A 217 11.00 6.00 -21.12
C ALA A 217 11.79 6.80 -22.15
N GLU A 218 12.30 7.97 -21.74
CA GLU A 218 13.16 8.78 -22.60
C GLU A 218 14.36 7.97 -23.08
N ILE A 219 14.99 7.23 -22.19
CA ILE A 219 16.23 6.52 -22.54
C ILE A 219 15.94 5.42 -23.54
N LEU A 220 14.90 4.63 -23.32
CA LEU A 220 14.63 3.50 -24.20
C LEU A 220 13.94 3.92 -25.49
N ASN A 221 13.13 4.99 -25.44
CA ASN A 221 12.57 5.60 -26.64
C ASN A 221 11.95 4.58 -27.59
N GLY A 222 11.06 3.76 -27.07
CA GLY A 222 10.31 2.82 -27.89
C GLY A 222 11.06 1.59 -28.34
N TYR A 223 12.25 1.34 -27.79
CA TYR A 223 13.04 0.15 -28.10
C TYR A 223 12.16 -1.10 -28.15
N LYS A 224 12.41 -1.93 -29.17
CA LYS A 224 11.65 -3.14 -29.42
C LYS A 224 10.15 -2.91 -29.29
N ASN A 225 9.67 -1.78 -29.83
CA ASN A 225 8.23 -1.50 -29.90
C ASN A 225 7.59 -1.51 -28.52
N CYS A 226 8.31 -1.02 -27.52
CA CYS A 226 7.77 -0.88 -26.18
C CYS A 226 7.06 0.46 -26.05
N GLU A 227 6.14 0.53 -25.09
CA GLU A 227 5.52 1.80 -24.75
C GLU A 227 5.34 1.90 -23.24
N PHE A 228 5.86 2.98 -22.66
CA PHE A 228 5.69 3.24 -21.24
C PHE A 228 4.31 3.82 -20.99
N VAL A 229 3.60 3.24 -20.03
CA VAL A 229 2.25 3.66 -19.67
C VAL A 229 2.20 3.87 -18.17
N PHE A 230 1.59 4.97 -17.74
CA PHE A 230 1.49 5.32 -16.33
C PHE A 230 0.02 5.43 -15.94
N VAL A 231 -0.37 4.71 -14.90
CA VAL A 231 -1.72 4.75 -14.35
C VAL A 231 -1.64 5.34 -12.96
N GLY A 232 -2.48 6.33 -12.69
CA GLY A 232 -2.54 6.93 -11.36
C GLY A 232 -2.65 8.44 -11.40
N GLU A 233 -2.98 9.05 -10.27
CA GLU A 233 -3.29 10.47 -10.22
C GLU A 233 -2.09 11.30 -9.79
N GLY A 234 -1.90 12.44 -10.45
CA GLY A 234 -1.08 13.51 -9.95
C GLY A 234 -1.94 14.61 -9.33
N PHE A 235 -1.27 15.60 -8.75
CA PHE A 235 -1.93 16.66 -8.01
C PHE A 235 -1.18 17.97 -8.25
N ALA A 236 -1.93 19.07 -8.18
CA ALA A 236 -1.39 20.39 -8.49
C ALA A 236 -0.99 21.10 -7.21
N GLY A 237 0.12 21.84 -7.29
CA GLY A 237 0.60 22.58 -6.14
C GLY A 237 1.08 21.74 -4.99
N ASN A 238 1.36 20.46 -5.23
CA ASN A 238 1.97 19.58 -4.24
C ASN A 238 3.43 19.39 -4.62
N LYS A 239 4.34 19.79 -3.73
CA LYS A 239 5.76 19.54 -3.97
C LYS A 239 6.05 18.06 -4.05
N SER A 240 5.28 17.24 -3.34
CA SER A 240 5.51 15.81 -3.25
C SER A 240 5.02 15.05 -4.47
N THR A 241 4.54 15.73 -5.50
CA THR A 241 3.74 15.08 -6.53
C THR A 241 3.96 15.74 -7.89
N ALA A 242 3.97 14.91 -8.92
CA ALA A 242 4.00 15.40 -10.29
C ALA A 242 2.60 15.85 -10.70
N ASP A 243 2.54 16.95 -11.45
CA ASP A 243 1.27 17.46 -11.94
C ASP A 243 0.96 16.87 -13.32
N GLU A 244 -0.31 16.97 -13.71
CA GLU A 244 -0.75 16.36 -14.97
C GLU A 244 0.07 16.88 -16.15
N SER A 245 0.63 18.08 -16.04
CA SER A 245 1.44 18.62 -17.13
C SER A 245 2.74 17.85 -17.28
N PHE A 246 3.37 17.48 -16.16
CA PHE A 246 4.52 16.60 -16.24
C PHE A 246 4.12 15.22 -16.76
N LEU A 247 3.03 14.66 -16.21
CA LEU A 247 2.64 13.30 -16.56
C LEU A 247 2.18 13.18 -18.01
N LYS A 248 1.79 14.29 -18.65
CA LYS A 248 1.36 14.26 -20.05
C LYS A 248 2.47 14.68 -21.02
N GLY A 249 3.60 15.18 -20.52
CA GLY A 249 4.61 15.78 -21.36
C GLY A 249 5.82 14.94 -21.69
N GLY A 250 5.81 13.64 -21.39
CA GLY A 250 6.96 12.80 -21.66
C GLY A 250 6.67 11.71 -22.67
N LYS A 251 7.60 10.76 -22.81
CA LYS A 251 7.39 9.59 -23.67
C LYS A 251 6.66 8.49 -22.93
N VAL A 252 5.61 8.87 -22.21
CA VAL A 252 4.75 7.98 -21.46
C VAL A 252 3.32 8.30 -21.87
N ARG A 253 2.50 7.25 -22.03
CA ARG A 253 1.08 7.42 -22.28
C ARG A 253 0.36 7.46 -20.94
N TYR A 254 -0.20 8.61 -20.60
CA TYR A 254 -0.81 8.83 -19.29
C TYR A 254 -2.30 8.51 -19.34
N LEU A 255 -2.74 7.66 -18.43
CA LEU A 255 -4.14 7.23 -18.38
C LEU A 255 -4.90 7.75 -17.17
N GLY A 256 -4.23 8.48 -16.27
CA GLY A 256 -4.93 8.92 -15.08
C GLY A 256 -5.38 7.75 -14.22
N ALA A 257 -6.31 8.04 -13.31
CA ALA A 257 -6.86 7.01 -12.44
C ALA A 257 -7.62 5.98 -13.25
N ARG A 258 -7.64 4.74 -12.76
CA ARG A 258 -8.33 3.67 -13.44
C ARG A 258 -8.87 2.66 -12.42
N ASN A 259 -9.90 1.93 -12.84
CA ASN A 259 -10.49 0.87 -12.05
C ASN A 259 -10.32 -0.51 -12.68
N ASP A 260 -9.89 -0.59 -13.94
CA ASP A 260 -9.74 -1.87 -14.62
C ASP A 260 -8.28 -2.30 -14.59
N ILE A 261 -7.74 -2.39 -13.37
CA ILE A 261 -6.34 -2.79 -13.19
C ILE A 261 -6.12 -4.19 -13.72
N PRO A 262 -6.89 -5.23 -13.35
CA PRO A 262 -6.70 -6.55 -13.95
C PRO A 262 -6.58 -6.48 -15.47
N GLN A 263 -7.47 -5.71 -16.10
CA GLN A 263 -7.49 -5.64 -17.56
C GLN A 263 -6.27 -4.90 -18.09
N LEU A 264 -5.81 -3.87 -17.37
CA LEU A 264 -4.60 -3.18 -17.78
C LEU A 264 -3.37 -4.07 -17.61
N LEU A 265 -3.28 -4.77 -16.48
CA LEU A 265 -2.16 -5.68 -16.26
C LEU A 265 -2.12 -6.78 -17.32
N LYS A 266 -3.28 -7.22 -17.79
CA LYS A 266 -3.30 -8.25 -18.83
C LYS A 266 -2.73 -7.71 -20.14
N ALA A 267 -2.96 -6.44 -20.44
CA ALA A 267 -2.44 -5.83 -21.65
C ALA A 267 -0.96 -5.48 -21.54
N SER A 268 -0.35 -5.66 -20.38
CA SER A 268 1.00 -5.19 -20.14
C SER A 268 2.03 -6.29 -20.40
N TYR A 269 3.23 -5.86 -20.77
CA TYR A 269 4.35 -6.78 -20.91
C TYR A 269 5.04 -7.01 -19.57
N LEU A 270 5.15 -5.96 -18.74
CA LEU A 270 5.70 -6.07 -17.40
C LEU A 270 5.28 -4.83 -16.62
N LEU A 271 5.39 -4.93 -15.31
CA LEU A 271 5.09 -3.83 -14.41
C LEU A 271 6.37 -3.30 -13.80
N ALA A 272 6.50 -1.97 -13.76
CA ALA A 272 7.64 -1.30 -13.15
C ALA A 272 7.18 -0.58 -11.88
N LEU A 273 8.01 -0.65 -10.85
CA LEU A 273 7.78 0.09 -9.60
C LEU A 273 9.13 0.53 -9.05
N PRO A 274 9.65 1.66 -9.54
CA PRO A 274 10.94 2.18 -9.07
C PRO A 274 10.83 3.02 -7.80
N SER A 275 10.07 2.51 -6.83
CA SER A 275 9.79 3.29 -5.63
C SER A 275 11.03 3.47 -4.78
N TYR A 276 11.01 4.54 -3.96
CA TYR A 276 12.10 4.78 -3.03
C TYR A 276 11.95 3.97 -1.75
N LYS A 277 10.71 3.61 -1.38
CA LYS A 277 10.45 2.86 -0.16
C LYS A 277 9.00 2.37 -0.19
N GLU A 278 8.80 1.14 0.28
CA GLU A 278 7.49 0.51 0.23
C GLU A 278 7.27 -0.31 1.49
N GLY A 279 6.03 -0.79 1.65
CA GLY A 279 5.71 -1.74 2.69
C GLY A 279 5.72 -3.15 2.15
N PHE A 280 4.66 -3.50 1.41
CA PHE A 280 4.68 -4.68 0.53
C PHE A 280 3.85 -4.29 -0.68
N PRO A 281 4.49 -3.78 -1.73
CA PRO A 281 3.73 -3.06 -2.77
C PRO A 281 2.63 -3.93 -3.38
N VAL A 282 1.42 -3.37 -3.39
CA VAL A 282 0.26 -4.14 -3.82
C VAL A 282 0.19 -4.24 -5.34
N THR A 283 0.65 -3.21 -6.06
CA THR A 283 0.69 -3.33 -7.51
C THR A 283 1.61 -4.46 -7.95
N VAL A 284 2.65 -4.75 -7.15
CA VAL A 284 3.51 -5.88 -7.43
C VAL A 284 2.72 -7.18 -7.28
N LEU A 285 2.02 -7.34 -6.15
CA LEU A 285 1.16 -8.49 -5.96
C LEU A 285 0.20 -8.65 -7.13
N GLU A 286 -0.44 -7.55 -7.54
CA GLU A 286 -1.42 -7.63 -8.62
C GLU A 286 -0.77 -8.07 -9.92
N ALA A 287 0.40 -7.51 -10.24
CA ALA A 287 1.14 -7.97 -11.41
C ALA A 287 1.49 -9.44 -11.29
N MET A 288 1.96 -9.86 -10.10
CA MET A 288 2.30 -11.27 -9.91
C MET A 288 1.08 -12.16 -10.13
N SER A 289 -0.06 -11.77 -9.58
CA SER A 289 -1.28 -12.57 -9.77
C SER A 289 -1.69 -12.61 -11.23
N MET A 290 -1.35 -11.58 -12.00
CA MET A 290 -1.56 -11.59 -13.43
C MET A 290 -0.41 -12.26 -14.17
N ALA A 291 0.51 -12.89 -13.45
CA ALA A 291 1.62 -13.63 -14.05
C ALA A 291 2.48 -12.69 -14.91
N LYS A 292 2.73 -11.49 -14.40
CA LYS A 292 3.52 -10.49 -15.10
C LYS A 292 4.81 -10.25 -14.33
N ALA A 293 5.93 -10.33 -15.04
CA ALA A 293 7.22 -9.98 -14.46
C ALA A 293 7.18 -8.55 -13.93
N VAL A 294 8.00 -8.29 -12.92
CA VAL A 294 8.10 -6.98 -12.30
C VAL A 294 9.55 -6.52 -12.35
N VAL A 295 9.74 -5.22 -12.56
CA VAL A 295 11.03 -4.57 -12.38
C VAL A 295 10.83 -3.56 -11.26
N ALA A 296 11.55 -3.74 -10.16
CA ALA A 296 11.34 -2.94 -8.97
C ALA A 296 12.67 -2.48 -8.39
N SER A 297 12.68 -1.26 -7.85
CA SER A 297 13.79 -0.76 -7.07
C SER A 297 14.20 -1.76 -5.99
N ASP A 298 15.52 -1.78 -5.70
CA ASP A 298 16.05 -2.61 -4.61
C ASP A 298 15.99 -1.79 -3.32
N VAL A 299 14.78 -1.66 -2.79
CA VAL A 299 14.52 -0.89 -1.58
C VAL A 299 13.61 -1.68 -0.66
N THR A 300 13.40 -1.15 0.54
CA THR A 300 12.48 -1.72 1.50
C THR A 300 11.14 -2.05 0.84
N GLY A 301 10.63 -3.26 1.12
CA GLY A 301 9.35 -3.67 0.61
C GLY A 301 9.43 -4.27 -0.77
N CYS A 302 9.90 -3.48 -1.74
CA CYS A 302 10.10 -4.00 -3.08
C CYS A 302 10.97 -5.26 -3.06
N ASN A 303 12.06 -5.25 -2.26
CA ASN A 303 12.98 -6.38 -2.27
C ASN A 303 12.50 -7.55 -1.40
N GLU A 304 11.32 -7.46 -0.80
CA GLU A 304 10.65 -8.63 -0.24
C GLU A 304 9.58 -9.18 -1.17
N ALA A 305 8.93 -8.31 -1.95
CA ALA A 305 7.92 -8.76 -2.89
C ALA A 305 8.56 -9.27 -4.18
N VAL A 306 9.73 -8.77 -4.55
CA VAL A 306 10.43 -9.18 -5.76
C VAL A 306 11.73 -9.85 -5.34
N LYS A 307 11.89 -11.10 -5.73
CA LYS A 307 13.13 -11.83 -5.54
C LYS A 307 13.86 -11.83 -6.88
N ASP A 308 15.01 -11.14 -6.94
CA ASP A 308 15.71 -10.97 -8.20
C ASP A 308 15.99 -12.33 -8.84
N GLY A 309 15.57 -12.47 -10.10
CA GLY A 309 15.74 -13.70 -10.83
C GLY A 309 14.62 -14.69 -10.69
N TYR A 310 13.69 -14.47 -9.77
CA TYR A 310 12.60 -15.43 -9.56
C TYR A 310 11.30 -14.92 -10.16
N ASN A 311 10.74 -13.84 -9.61
CA ASN A 311 9.52 -13.24 -10.15
C ASN A 311 9.73 -11.85 -10.73
N GLY A 312 10.96 -11.35 -10.76
CA GLY A 312 11.24 -10.09 -11.41
C GLY A 312 12.71 -9.78 -11.35
N LEU A 313 13.04 -8.51 -11.60
CA LEU A 313 14.41 -8.03 -11.51
C LEU A 313 14.45 -6.78 -10.65
N LEU A 314 15.53 -6.64 -9.88
CA LEU A 314 15.75 -5.47 -9.04
C LEU A 314 16.73 -4.52 -9.73
N CYS A 315 16.45 -3.23 -9.61
CA CYS A 315 17.31 -2.18 -10.15
C CYS A 315 17.66 -1.22 -9.04
N LYS A 316 18.75 -0.48 -9.22
CA LYS A 316 19.14 0.52 -8.24
C LYS A 316 18.08 1.62 -8.16
N VAL A 317 17.91 2.17 -6.97
CA VAL A 317 16.96 3.25 -6.75
C VAL A 317 17.56 4.57 -7.25
N LYS A 318 16.69 5.53 -7.53
CA LYS A 318 17.08 6.82 -8.09
C LYS A 318 18.06 6.65 -9.25
N ASP A 319 17.73 5.76 -10.19
CA ASP A 319 18.66 5.43 -11.27
C ASP A 319 17.85 5.06 -12.52
N ALA A 320 17.58 6.06 -13.35
CA ALA A 320 16.79 5.82 -14.55
C ALA A 320 17.51 4.89 -15.52
N ASN A 321 18.84 5.01 -15.62
CA ASN A 321 19.59 4.16 -16.53
C ASN A 321 19.48 2.69 -16.14
N ASP A 322 19.59 2.38 -14.85
CA ASP A 322 19.48 0.99 -14.42
C ASP A 322 18.06 0.48 -14.60
N LEU A 323 17.06 1.31 -14.28
CA LEU A 323 15.68 0.92 -14.54
C LEU A 323 15.48 0.60 -16.01
N ALA A 324 15.90 1.50 -16.90
CA ALA A 324 15.86 1.22 -18.32
C ALA A 324 16.61 -0.06 -18.66
N GLY A 325 17.78 -0.25 -18.05
CA GLY A 325 18.58 -1.43 -18.36
C GLY A 325 17.87 -2.73 -18.03
N LYS A 326 17.21 -2.79 -16.87
CA LYS A 326 16.49 -4.02 -16.53
C LYS A 326 15.30 -4.23 -17.46
N ILE A 327 14.60 -3.16 -17.81
CA ILE A 327 13.47 -3.28 -18.74
C ILE A 327 13.96 -3.80 -20.08
N LYS A 328 15.11 -3.29 -20.53
CA LYS A 328 15.64 -3.72 -21.82
C LYS A 328 16.04 -5.19 -21.80
N ILE A 329 16.54 -5.67 -20.67
CA ILE A 329 16.90 -7.09 -20.56
C ILE A 329 15.67 -7.95 -20.81
N LEU A 330 14.51 -7.55 -20.26
CA LEU A 330 13.30 -8.32 -20.45
C LEU A 330 12.70 -8.11 -21.83
N LEU A 331 12.79 -6.88 -22.35
CA LEU A 331 12.44 -6.65 -23.75
C LEU A 331 13.31 -7.51 -24.67
N ASP A 332 14.57 -7.73 -24.29
CA ASP A 332 15.49 -8.52 -25.10
C ASP A 332 15.29 -10.01 -24.95
N ASP A 333 14.58 -10.47 -23.91
CA ASP A 333 14.49 -11.89 -23.58
C ASP A 333 13.07 -12.20 -23.12
N GLU A 334 12.21 -12.59 -24.09
CA GLU A 334 10.81 -12.82 -23.78
C GLU A 334 10.62 -14.06 -22.91
N GLU A 335 11.38 -15.13 -23.18
CA GLU A 335 11.22 -16.35 -22.39
C GLU A 335 11.51 -16.08 -20.91
N LEU A 336 12.57 -15.32 -20.63
CA LEU A 336 12.86 -14.96 -19.24
C LEU A 336 11.71 -14.21 -18.62
N CYS A 337 11.17 -13.21 -19.34
CA CYS A 337 10.11 -12.38 -18.78
C CYS A 337 8.89 -13.21 -18.43
N ALA A 338 8.53 -14.18 -19.27
CA ALA A 338 7.38 -15.03 -18.98
C ALA A 338 7.67 -15.95 -17.80
N ARG A 339 8.86 -16.53 -17.75
CA ARG A 339 9.23 -17.39 -16.62
C ARG A 339 9.07 -16.65 -15.31
N LEU A 340 9.60 -15.43 -15.23
CA LEU A 340 9.52 -14.66 -13.98
C LEU A 340 8.07 -14.41 -13.61
N GLY A 341 7.25 -14.00 -14.58
CA GLY A 341 5.85 -13.77 -14.30
C GLY A 341 5.13 -15.03 -13.87
N ALA A 342 5.48 -16.16 -14.49
CA ALA A 342 4.87 -17.44 -14.11
C ALA A 342 5.23 -17.79 -12.67
N ASN A 343 6.49 -17.57 -12.28
CA ASN A 343 6.87 -17.73 -10.89
C ASN A 343 6.09 -16.76 -10.00
N GLY A 344 5.93 -15.52 -10.47
CA GLY A 344 5.13 -14.57 -9.72
C GLY A 344 3.74 -15.08 -9.42
N ARG A 345 3.07 -15.64 -10.44
CA ARG A 345 1.75 -16.19 -10.23
C ARG A 345 1.78 -17.33 -9.22
N SER A 346 2.74 -18.25 -9.38
CA SER A 346 2.81 -19.39 -8.48
C SER A 346 2.98 -18.95 -7.04
N TRP A 347 3.73 -17.86 -6.82
CA TRP A 347 4.02 -17.40 -5.47
C TRP A 347 2.82 -16.71 -4.84
N VAL A 348 2.15 -15.80 -5.55
CA VAL A 348 0.98 -15.14 -4.97
C VAL A 348 -0.05 -16.18 -4.55
N VAL A 349 -0.31 -17.16 -5.43
CA VAL A 349 -1.36 -18.14 -5.17
C VAL A 349 -1.09 -18.90 -3.88
N SER A 350 0.18 -19.20 -3.62
CA SER A 350 0.53 -20.03 -2.48
C SER A 350 0.69 -19.25 -1.18
N GLU A 351 0.92 -17.94 -1.25
CA GLU A 351 1.27 -17.17 -0.06
C GLU A 351 0.50 -15.87 0.14
N PHE A 352 -0.14 -15.32 -0.89
CA PHE A 352 -0.63 -13.95 -0.81
C PHE A 352 -2.09 -13.80 -1.22
N ASP A 353 -2.86 -14.88 -1.22
CA ASP A 353 -4.29 -14.75 -1.46
C ASP A 353 -4.96 -14.03 -0.30
N GLU A 354 -5.82 -13.07 -0.61
CA GLU A 354 -6.38 -12.20 0.44
C GLU A 354 -7.19 -12.99 1.45
N LYS A 355 -7.75 -14.14 1.07
CA LYS A 355 -8.64 -14.86 1.98
C LYS A 355 -7.88 -15.46 3.15
N GLN A 356 -6.73 -16.08 2.89
CA GLN A 356 -5.94 -16.63 4.00
C GLN A 356 -5.29 -15.52 4.81
N ILE A 357 -4.86 -14.44 4.15
CA ILE A 357 -4.34 -13.29 4.88
C ILE A 357 -5.39 -12.81 5.88
N ALA A 358 -6.63 -12.68 5.43
CA ALA A 358 -7.70 -12.17 6.29
C ALA A 358 -7.92 -13.10 7.48
N LYS A 359 -7.95 -14.41 7.23
CA LYS A 359 -8.15 -15.36 8.32
C LYS A 359 -7.10 -15.19 9.42
N ARG A 360 -5.88 -14.78 9.06
CA ARG A 360 -4.82 -14.67 10.06
C ARG A 360 -4.94 -13.38 10.87
N TYR A 361 -5.51 -12.32 10.29
CA TYR A 361 -5.86 -11.15 11.10
C TYR A 361 -6.90 -11.50 12.15
N ILE A 362 -7.90 -12.31 11.76
CA ILE A 362 -9.00 -12.63 12.66
C ILE A 362 -8.53 -13.53 13.80
N GLU A 363 -7.51 -14.36 13.56
CA GLU A 363 -6.94 -15.15 14.65
C GLU A 363 -6.29 -14.23 15.70
N ILE A 364 -5.68 -13.13 15.27
CA ILE A 364 -5.15 -12.17 16.23
C ILE A 364 -6.28 -11.56 17.04
N TYR A 365 -7.37 -11.18 16.38
CA TYR A 365 -8.51 -10.61 17.10
C TYR A 365 -9.08 -11.61 18.09
N ARG A 366 -9.16 -12.89 17.70
CA ARG A 366 -9.72 -13.94 18.55
C ARG A 366 -9.00 -14.03 19.88
N LYS A 367 -7.74 -13.59 19.96
CA LYS A 367 -7.03 -13.60 21.22
C LYS A 367 -7.66 -12.67 22.25
N PHE A 368 -8.44 -11.69 21.80
CA PHE A 368 -8.92 -10.61 22.65
C PHE A 368 -10.43 -10.54 22.77
N ILE A 369 -11.17 -10.88 21.71
CA ILE A 369 -12.62 -10.81 21.70
C ILE A 369 -13.16 -12.13 21.16
N ASP A 370 -14.45 -12.34 21.34
CA ASP A 370 -15.13 -13.52 20.83
C ASP A 370 -15.60 -13.25 19.40
N VAL A 371 -15.05 -13.98 18.44
CA VAL A 371 -15.53 -13.90 17.06
C VAL A 371 -16.43 -15.09 16.77
C1' UD2 B . 1.20 1.41 1.16
C2' UD2 B . 2.58 0.92 0.73
C3' UD2 B . 2.47 -0.33 -0.10
C4' UD2 B . 1.57 -1.37 0.58
C5' UD2 B . 0.21 -0.78 1.00
C6' UD2 B . -0.66 -1.81 1.68
C7' UD2 B . 4.23 2.81 0.45
C8' UD2 B . 4.71 2.74 1.88
N2' UD2 B . 3.27 1.95 -0.01
O1' UD2 B . 0.20 1.92 0.29
O3' UD2 B . 3.74 -0.89 -0.27
O4' UD2 B . 2.29 -1.79 1.71
O5' UD2 B . 0.49 0.36 1.81
O6' UD2 B . 0.00 -2.74 2.50
O7' UD2 B . 4.75 3.62 -0.31
N1 UD2 B . -4.89 1.57 -7.80
C2 UD2 B . -6.05 1.68 -8.54
N3 UD2 B . -6.05 2.65 -9.52
C4 UD2 B . -5.01 3.50 -9.84
C5 UD2 B . -3.84 3.31 -9.01
C6 UD2 B . -3.81 2.39 -8.05
O2 UD2 B . -7.04 1.02 -8.41
O4 UD2 B . -5.17 4.31 -10.73
C1B UD2 B . -4.83 0.57 -6.72
C2B UD2 B . -4.17 -0.74 -7.17
O2' UD2 B . -5.05 -1.60 -7.83
C3B UD2 B . -3.71 -1.34 -5.84
C4B UD2 B . -3.40 -0.10 -5.01
O4B UD2 B . -4.10 1.00 -5.61
O3B UD2 B . -4.76 -2.05 -5.19
C5B UD2 B . -1.92 0.18 -5.01
O5B UD2 B . -1.52 0.67 -3.78
PA UD2 B . 0.08 0.95 -3.56
O1A UD2 B . 0.83 -0.31 -3.74
O2A UD2 B . 0.39 2.22 -4.31
O3A UD2 B . 0.05 1.15 -1.95
PB UD2 B . 0.19 2.60 -1.22
O1B UD2 B . 1.47 3.28 -1.60
O2B UD2 B . -1.12 3.28 -1.39
H1' UD2 B . 1.49 2.17 1.69
H2' UD2 B . 3.07 0.72 1.54
H3' UD2 B . 2.05 -0.03 -0.92
H4' UD2 B . 1.37 -2.05 -0.08
H5' UD2 B . -0.33 -0.51 0.24
H6'1 UD2 B . -1.14 -2.27 0.96
H6'2 UD2 B . -1.32 -1.32 2.19
H8'1 UD2 B . 5.33 3.47 2.06
H8'2 UD2 B . 5.17 1.90 2.04
H8'3 UD2 B . 3.96 2.80 2.49
HN2' UD2 B . 3.06 2.02 -0.84
HO3' UD2 B . 4.12 -0.61 -0.92
HO4' UD2 B . 2.14 -1.30 2.36
HO6' UD2 B . 0.30 -3.37 2.06
HN3 UD2 B . -6.78 2.71 -9.97
H5 UD2 B . -3.09 3.85 -9.15
H6 UD2 B . -3.06 2.27 -7.54
H1B UD2 B . -5.75 0.44 -6.45
H2B UD2 B . -3.42 -0.48 -7.73
HO2' UD2 B . -5.41 -2.11 -7.31
H3B UD2 B . -2.93 -1.89 -5.97
H4B UD2 B . -3.73 -0.22 -4.11
HO3A UD2 B . -5.27 -1.54 -4.76
H5'1 UD2 B . -1.43 -0.63 -5.22
H5'2 UD2 B . -1.71 0.82 -5.71
#